data_4IY9
#
_entry.id   4IY9
#
_cell.length_a   154.150
_cell.length_b   34.560
_cell.length_c   93.140
_cell.angle_alpha   90.00
_cell.angle_beta   97.99
_cell.angle_gamma   90.00
#
_symmetry.space_group_name_H-M   'C 1 2 1'
#
loop_
_entity.id
_entity.type
_entity.pdbx_description
1 polymer '30K protein 1'
2 non-polymer 'IODIDE ION'
3 water water
#
_entity_poly.entity_id   1
_entity_poly.type   'polypeptide(L)'
_entity_poly.pdbx_seq_one_letter_code
;ADSDVPNDILEEQLYNSVVVADYDSAVEKSKHLYEEKKSEVITNVVNKLIRNNKMNCMEYAYQLWLQGSKDIVRDCFPVE
FRLIFAENAIKLMYKRDGLALTLSNDVQGDDGRPAYGDGKDKTSPRVSWKLIALWENNKVYFKILNTERNQYLVLGVGTN
WNGDHMAFGVNSVDSFRAQWYLQPAKYDNDVLFYIYNREYSKALTLSRTVEPSGHRMAWGYNGRVIGSPEHYAWGIKAF
;
_entity_poly.pdbx_strand_id   A,B
#
loop_
_chem_comp.id
_chem_comp.type
_chem_comp.name
_chem_comp.formula
IOD non-polymer 'IODIDE ION' 'I -1'
#
# COMPACT_ATOMS: atom_id res chain seq x y z
N VAL A 5 -49.75 27.67 4.57
CA VAL A 5 -48.37 27.49 4.17
C VAL A 5 -48.23 27.56 2.64
N PRO A 6 -47.40 28.49 2.14
CA PRO A 6 -47.07 28.69 0.71
C PRO A 6 -46.00 27.70 0.24
N ASN A 7 -45.68 27.59 -1.06
CA ASN A 7 -44.62 26.64 -1.43
C ASN A 7 -43.27 27.08 -0.88
N ASP A 8 -43.06 28.38 -0.73
CA ASP A 8 -41.77 28.86 -0.23
C ASP A 8 -41.49 28.34 1.15
N ILE A 9 -42.43 28.54 2.04
CA ILE A 9 -42.24 28.17 3.42
C ILE A 9 -42.11 26.65 3.55
N LEU A 10 -42.96 25.92 2.84
CA LEU A 10 -42.98 24.48 2.92
C LEU A 10 -41.67 23.85 2.39
N GLU A 11 -41.23 24.39 1.26
CA GLU A 11 -39.95 24.06 0.68
C GLU A 11 -38.82 24.36 1.65
N GLU A 12 -38.74 25.59 2.14
CA GLU A 12 -37.70 25.97 3.11
C GLU A 12 -37.72 25.06 4.31
N GLN A 13 -38.89 24.65 4.72
CA GLN A 13 -38.99 23.74 5.84
C GLN A 13 -38.39 22.39 5.50
N LEU A 14 -38.76 21.83 4.34
CA LEU A 14 -38.22 20.54 3.95
C LEU A 14 -36.69 20.59 3.80
N TYR A 15 -36.19 21.59 3.09
CA TYR A 15 -34.74 21.82 2.90
C TYR A 15 -33.97 22.00 4.22
N ASN A 16 -34.56 22.79 5.11
CA ASN A 16 -33.98 23.02 6.42
C ASN A 16 -33.87 21.73 7.16
N SER A 17 -34.93 20.95 7.09
CA SER A 17 -34.94 19.65 7.72
C SER A 17 -33.82 18.73 7.22
N VAL A 18 -33.62 18.70 5.90
CA VAL A 18 -32.53 17.89 5.34
C VAL A 18 -31.15 18.37 5.72
N VAL A 19 -30.96 19.68 5.69
CA VAL A 19 -29.66 20.27 6.03
C VAL A 19 -29.21 20.08 7.50
N VAL A 20 -30.15 20.08 8.43
CA VAL A 20 -29.89 19.81 9.85
C VAL A 20 -29.91 18.30 10.14
N ALA A 21 -30.18 17.50 9.12
CA ALA A 21 -30.16 16.05 9.21
C ALA A 21 -31.24 15.44 10.13
N ASP A 22 -32.39 16.14 10.21
CA ASP A 22 -33.60 15.56 10.83
C ASP A 22 -34.40 14.82 9.78
N TYR A 23 -34.08 13.55 9.58
CA TYR A 23 -34.53 12.77 8.41
C TYR A 23 -35.94 12.19 8.62
N ASP A 24 -36.31 11.82 9.83
CA ASP A 24 -37.71 11.34 10.08
C ASP A 24 -38.75 12.43 9.74
N SER A 25 -38.47 13.68 10.11
CA SER A 25 -39.40 14.74 9.82
C SER A 25 -39.31 15.11 8.35
N ALA A 26 -38.12 15.00 7.73
CA ALA A 26 -38.03 15.25 6.28
C ALA A 26 -38.82 14.22 5.47
N VAL A 27 -38.75 12.97 5.89
CA VAL A 27 -39.55 11.92 5.29
C VAL A 27 -41.07 12.17 5.54
N GLU A 28 -41.42 12.57 6.75
CA GLU A 28 -42.83 12.92 7.08
C GLU A 28 -43.36 13.98 6.10
N LYS A 29 -42.62 15.07 5.97
CA LYS A 29 -42.91 16.10 5.00
C LYS A 29 -43.03 15.56 3.58
N SER A 30 -42.08 14.74 3.15
CA SER A 30 -42.15 14.27 1.78
C SER A 30 -43.39 13.46 1.49
N LYS A 31 -43.64 12.48 2.36
CA LYS A 31 -44.78 11.61 2.23
C LYS A 31 -46.04 12.48 2.19
N HIS A 32 -46.07 13.53 3.01
CA HIS A 32 -47.23 14.46 2.94
C HIS A 32 -47.36 15.11 1.57
N LEU A 33 -46.25 15.64 1.05
CA LEU A 33 -46.31 16.45 -0.15
C LEU A 33 -46.64 15.66 -1.40
N TYR A 34 -46.09 14.46 -1.46
CA TYR A 34 -46.26 13.59 -2.59
C TYR A 34 -47.72 13.17 -2.67
N GLU A 35 -48.40 13.24 -1.54
CA GLU A 35 -49.81 12.93 -1.47
C GLU A 35 -50.64 14.12 -1.91
N GLU A 36 -50.19 15.31 -1.56
CA GLU A 36 -50.96 16.50 -1.83
C GLU A 36 -50.63 17.10 -3.19
N LYS A 37 -50.11 16.29 -4.11
CA LYS A 37 -49.87 16.77 -5.48
C LYS A 37 -48.75 17.84 -5.52
N LYS A 38 -47.88 17.84 -4.52
CA LYS A 38 -46.81 18.84 -4.53
C LYS A 38 -45.47 18.14 -4.70
N SER A 39 -45.20 17.65 -5.89
CA SER A 39 -43.95 16.97 -6.17
C SER A 39 -42.84 17.95 -6.56
N GLU A 40 -43.27 19.07 -7.14
CA GLU A 40 -42.35 20.09 -7.60
C GLU A 40 -41.57 20.66 -6.43
N VAL A 41 -42.16 20.66 -5.23
CA VAL A 41 -41.40 21.16 -4.11
C VAL A 41 -40.23 20.23 -3.76
N ILE A 42 -40.49 18.93 -3.70
CA ILE A 42 -39.46 17.95 -3.34
C ILE A 42 -38.40 18.03 -4.43
N THR A 43 -38.82 18.05 -5.69
CA THR A 43 -37.87 18.16 -6.80
C THR A 43 -36.98 19.42 -6.75
N ASN A 44 -37.57 20.57 -6.51
CA ASN A 44 -36.72 21.74 -6.31
C ASN A 44 -35.74 21.60 -5.16
N VAL A 45 -36.21 20.98 -4.07
CA VAL A 45 -35.35 20.83 -2.91
C VAL A 45 -34.14 19.91 -3.24
N VAL A 46 -34.38 18.82 -3.95
CA VAL A 46 -33.33 17.91 -4.35
C VAL A 46 -32.35 18.68 -5.17
N ASN A 47 -32.87 19.44 -6.11
CA ASN A 47 -32.01 20.17 -6.99
C ASN A 47 -31.14 21.12 -6.20
N LYS A 48 -31.69 21.71 -5.13
CA LYS A 48 -30.89 22.67 -4.36
C LYS A 48 -29.85 21.99 -3.43
N LEU A 49 -30.19 20.87 -2.82
CA LEU A 49 -29.24 20.09 -2.09
C LEU A 49 -28.10 19.68 -2.98
N ILE A 50 -28.42 19.19 -4.16
CA ILE A 50 -27.42 18.74 -5.16
C ILE A 50 -26.59 19.85 -5.79
N ARG A 51 -27.17 21.05 -5.93
CA ARG A 51 -26.39 22.16 -6.46
C ARG A 51 -25.38 22.62 -5.41
N ASN A 52 -25.82 22.66 -4.15
CA ASN A 52 -25.07 23.13 -2.96
C ASN A 52 -24.10 22.12 -2.37
N ASN A 53 -23.91 21.01 -3.08
CA ASN A 53 -22.91 20.00 -2.71
C ASN A 53 -23.18 19.53 -1.33
N LYS A 54 -24.47 19.42 -0.98
CA LYS A 54 -24.84 18.91 0.34
C LYS A 54 -24.87 17.38 0.38
N MET A 55 -24.25 16.85 1.42
CA MET A 55 -24.06 15.42 1.50
C MET A 55 -25.31 14.72 2.01
N ASN A 56 -26.10 15.49 2.77
CA ASN A 56 -27.28 14.97 3.41
C ASN A 56 -28.29 14.46 2.45
N CYS A 57 -28.07 14.85 1.23
CA CYS A 57 -28.91 14.41 0.16
C CYS A 57 -28.92 12.89 0.04
N MET A 58 -27.77 12.24 0.21
CA MET A 58 -27.74 10.77 0.24
CA MET A 58 -27.71 10.78 0.27
C MET A 58 -28.57 10.13 1.37
N GLU A 59 -28.45 10.66 2.60
CA GLU A 59 -29.13 10.07 3.75
C GLU A 59 -30.63 10.25 3.57
N TYR A 60 -30.99 11.47 3.22
CA TYR A 60 -32.39 11.77 2.90
C TYR A 60 -32.90 10.72 1.88
N ALA A 61 -32.16 10.47 0.78
CA ALA A 61 -32.72 9.53 -0.20
C ALA A 61 -32.89 8.16 0.42
N TYR A 62 -31.85 7.69 1.11
CA TYR A 62 -31.90 6.36 1.68
C TYR A 62 -33.06 6.24 2.67
N GLN A 63 -33.36 7.33 3.42
CA GLN A 63 -34.40 7.24 4.48
C GLN A 63 -35.74 7.13 3.80
N LEU A 64 -35.92 7.84 2.70
CA LEU A 64 -37.14 7.61 1.88
C LEU A 64 -37.21 6.18 1.34
N TRP A 65 -36.07 5.67 0.92
CA TRP A 65 -36.09 4.33 0.41
C TRP A 65 -36.41 3.33 1.53
N LEU A 66 -36.05 3.65 2.76
CA LEU A 66 -36.20 2.62 3.76
C LEU A 66 -37.59 2.72 4.37
N GLN A 67 -38.21 3.88 4.24
CA GLN A 67 -39.41 4.11 5.04
C GLN A 67 -40.64 4.09 4.19
N GLY A 68 -40.63 3.28 3.15
CA GLY A 68 -41.81 2.97 2.41
C GLY A 68 -42.07 3.99 1.33
N SER A 69 -41.05 4.79 1.01
CA SER A 69 -41.15 5.82 -0.03
C SER A 69 -40.21 5.63 -1.21
N LYS A 70 -40.06 4.41 -1.67
CA LYS A 70 -39.17 4.19 -2.77
C LYS A 70 -39.65 5.00 -3.91
N ASP A 71 -40.96 5.11 -4.06
CA ASP A 71 -41.52 5.78 -5.24
C ASP A 71 -41.06 7.25 -5.35
N ILE A 72 -40.86 7.90 -4.21
CA ILE A 72 -40.43 9.29 -4.24
C ILE A 72 -39.03 9.44 -4.76
N VAL A 73 -38.18 8.53 -4.31
CA VAL A 73 -36.83 8.42 -4.80
C VAL A 73 -36.81 8.11 -6.30
N ARG A 74 -37.69 7.24 -6.74
CA ARG A 74 -37.78 6.89 -8.15
C ARG A 74 -38.18 8.08 -9.03
N ASP A 75 -39.19 8.84 -8.62
CA ASP A 75 -39.78 9.91 -9.45
C ASP A 75 -39.17 11.30 -9.34
N CYS A 76 -38.71 11.65 -8.17
CA CYS A 76 -38.32 13.02 -7.92
C CYS A 76 -36.83 13.25 -7.84
N PHE A 77 -36.04 12.16 -7.80
CA PHE A 77 -34.56 12.22 -7.83
C PHE A 77 -34.06 11.69 -9.18
N PRO A 78 -32.89 12.18 -9.61
CA PRO A 78 -32.19 11.68 -10.79
C PRO A 78 -31.89 10.17 -10.65
N VAL A 79 -31.85 9.49 -11.79
CA VAL A 79 -31.84 8.03 -11.82
C VAL A 79 -30.69 7.39 -11.00
N GLU A 80 -29.55 8.07 -10.92
CA GLU A 80 -28.42 7.62 -10.11
C GLU A 80 -28.83 7.19 -8.74
N PHE A 81 -29.79 7.88 -8.11
CA PHE A 81 -30.06 7.52 -6.71
C PHE A 81 -30.71 6.15 -6.61
N ARG A 82 -31.61 5.93 -7.54
CA ARG A 82 -32.23 4.65 -7.65
C ARG A 82 -31.20 3.58 -7.97
N LEU A 83 -30.23 3.91 -8.83
CA LEU A 83 -29.21 2.94 -9.22
C LEU A 83 -28.38 2.58 -7.99
N ILE A 84 -28.07 3.57 -7.17
CA ILE A 84 -27.36 3.27 -5.95
C ILE A 84 -28.15 2.33 -5.03
N PHE A 85 -29.37 2.73 -4.71
CA PHE A 85 -30.06 2.04 -3.64
C PHE A 85 -30.71 0.73 -4.09
N ALA A 86 -30.98 0.58 -5.37
CA ALA A 86 -31.51 -0.71 -5.81
C ALA A 86 -30.39 -1.73 -5.94
N GLU A 87 -29.16 -1.28 -5.68
CA GLU A 87 -27.94 -2.08 -5.76
C GLU A 87 -27.91 -2.70 -7.10
N ASN A 88 -28.23 -1.88 -8.09
CA ASN A 88 -28.08 -2.27 -9.48
C ASN A 88 -26.63 -2.17 -9.88
N ALA A 89 -26.23 -2.95 -10.87
CA ALA A 89 -24.85 -2.88 -11.36
C ALA A 89 -24.61 -1.53 -12.03
N ILE A 90 -23.45 -0.94 -11.80
CA ILE A 90 -23.13 0.37 -12.36
C ILE A 90 -21.72 0.46 -12.84
N LYS A 91 -21.41 1.53 -13.57
CA LYS A 91 -20.01 1.78 -13.93
C LYS A 91 -19.65 3.07 -13.27
N LEU A 92 -18.49 3.07 -12.63
CA LEU A 92 -17.92 4.28 -12.07
C LEU A 92 -16.97 4.85 -13.11
N MET A 93 -17.37 5.98 -13.66
CA MET A 93 -16.57 6.57 -14.67
C MET A 93 -15.98 7.87 -14.20
N TYR A 94 -14.66 7.95 -14.22
CA TYR A 94 -13.95 9.17 -13.86
C TYR A 94 -14.17 10.29 -14.87
N LYS A 95 -14.78 11.38 -14.41
CA LYS A 95 -15.24 12.48 -15.27
C LYS A 95 -14.12 13.11 -16.10
N ARG A 96 -13.01 13.44 -15.45
CA ARG A 96 -11.89 14.13 -16.09
C ARG A 96 -11.33 13.40 -17.30
N ASP A 97 -11.25 12.08 -17.23
CA ASP A 97 -10.55 11.33 -18.28
C ASP A 97 -11.43 10.39 -19.06
N GLY A 98 -12.62 10.16 -18.55
CA GLY A 98 -13.54 9.24 -19.19
C GLY A 98 -13.09 7.79 -19.19
N LEU A 99 -12.54 7.33 -18.06
CA LEU A 99 -12.22 5.91 -17.91
C LEU A 99 -13.13 5.26 -16.88
N ALA A 100 -13.49 4.01 -17.12
CA ALA A 100 -14.22 3.19 -16.16
C ALA A 100 -13.27 2.48 -15.21
N LEU A 101 -13.63 2.46 -13.92
CA LEU A 101 -12.88 1.81 -12.85
C LEU A 101 -13.01 0.29 -12.83
N THR A 102 -11.88 -0.40 -12.63
CA THR A 102 -11.87 -1.87 -12.58
C THR A 102 -10.82 -2.43 -11.63
N LEU A 103 -10.79 -3.76 -11.47
CA LEU A 103 -9.74 -4.40 -10.68
C LEU A 103 -8.82 -5.19 -11.63
N SER A 104 -7.55 -5.22 -11.30
CA SER A 104 -6.65 -5.95 -12.16
C SER A 104 -6.95 -7.46 -12.20
N ASN A 105 -6.77 -8.03 -13.39
CA ASN A 105 -7.06 -9.44 -13.69
CA ASN A 105 -7.08 -9.46 -13.58
C ASN A 105 -5.90 -10.42 -13.53
N ASP A 106 -4.69 -9.88 -13.33
CA ASP A 106 -3.45 -10.67 -13.25
C ASP A 106 -2.70 -10.25 -12.01
N VAL A 107 -2.83 -10.97 -10.89
CA VAL A 107 -2.18 -10.54 -9.65
C VAL A 107 -1.26 -11.61 -9.00
N GLN A 108 0.00 -11.26 -8.73
CA GLN A 108 0.93 -12.23 -8.13
C GLN A 108 0.81 -12.33 -6.62
N GLY A 109 -0.07 -11.55 -6.01
CA GLY A 109 -0.37 -11.73 -4.61
C GLY A 109 -1.70 -12.43 -4.42
N ASP A 110 -1.89 -13.03 -3.24
CA ASP A 110 -3.15 -13.65 -2.84
C ASP A 110 -4.11 -12.67 -2.16
N ASP A 111 -3.61 -11.49 -1.82
CA ASP A 111 -4.35 -10.54 -0.98
C ASP A 111 -5.30 -9.57 -1.70
N GLY A 112 -4.76 -8.51 -2.31
CA GLY A 112 -5.62 -7.58 -3.00
C GLY A 112 -5.33 -7.21 -4.44
N ARG A 113 -6.38 -6.98 -5.22
CA ARG A 113 -6.26 -6.55 -6.60
C ARG A 113 -6.24 -5.04 -6.74
N PRO A 114 -5.20 -4.51 -7.40
CA PRO A 114 -5.15 -3.04 -7.51
C PRO A 114 -6.21 -2.37 -8.40
N ALA A 115 -6.74 -1.25 -8.01
CA ALA A 115 -7.82 -0.69 -8.82
C ALA A 115 -7.30 0.33 -9.80
N TYR A 116 -7.90 0.43 -10.98
CA TYR A 116 -7.42 1.44 -11.97
C TYR A 116 -8.43 1.82 -13.03
N GLY A 117 -8.18 2.92 -13.71
CA GLY A 117 -9.09 3.33 -14.77
C GLY A 117 -8.70 2.59 -16.03
N ASP A 118 -9.61 1.78 -16.59
CA ASP A 118 -9.29 0.87 -17.72
C ASP A 118 -9.24 1.58 -19.07
N GLY A 119 -8.08 1.50 -19.72
CA GLY A 119 -7.91 2.22 -20.97
C GLY A 119 -8.75 1.76 -22.17
N LYS A 120 -9.13 0.48 -22.21
CA LYS A 120 -9.82 0.00 -23.40
C LYS A 120 -11.26 -0.28 -23.06
N ASP A 121 -11.55 -0.38 -21.77
CA ASP A 121 -12.76 -1.04 -21.38
C ASP A 121 -13.77 -0.10 -20.70
N LYS A 122 -14.89 0.12 -21.41
CA LYS A 122 -16.09 0.78 -20.95
C LYS A 122 -17.26 -0.20 -20.99
N THR A 123 -16.99 -1.43 -21.42
CA THR A 123 -18.08 -2.37 -21.79
C THR A 123 -18.09 -3.69 -21.03
N SER A 124 -16.90 -4.28 -20.86
CA SER A 124 -16.83 -5.67 -20.44
C SER A 124 -17.36 -5.79 -19.05
N PRO A 125 -17.65 -7.02 -18.64
CA PRO A 125 -18.06 -7.14 -17.24
C PRO A 125 -17.06 -6.58 -16.19
N ARG A 126 -15.80 -6.37 -16.54
CA ARG A 126 -14.78 -5.96 -15.57
C ARG A 126 -15.04 -4.58 -14.96
N VAL A 127 -15.83 -3.76 -15.65
CA VAL A 127 -16.20 -2.46 -15.06
C VAL A 127 -17.52 -2.45 -14.26
N SER A 128 -18.12 -3.62 -14.00
CA SER A 128 -19.34 -3.66 -13.20
C SER A 128 -19.06 -3.55 -11.68
N TRP A 129 -19.83 -2.69 -10.99
CA TRP A 129 -19.71 -2.43 -9.53
C TRP A 129 -21.09 -2.37 -8.81
N LYS A 130 -21.09 -2.46 -7.49
CA LYS A 130 -22.30 -2.26 -6.74
C LYS A 130 -22.00 -1.53 -5.45
N LEU A 131 -22.86 -0.59 -5.07
CA LEU A 131 -22.70 0.16 -3.82
C LEU A 131 -23.64 -0.35 -2.73
N ILE A 132 -23.14 -0.63 -1.55
CA ILE A 132 -23.96 -1.19 -0.51
C ILE A 132 -24.04 -0.31 0.76
N ALA A 133 -25.26 0.13 1.11
CA ALA A 133 -25.45 1.12 2.11
C ALA A 133 -25.29 0.54 3.47
N LEU A 134 -24.81 1.37 4.40
CA LEU A 134 -24.97 1.05 5.78
C LEU A 134 -25.15 2.31 6.55
N TRP A 135 -25.80 2.15 7.68
CA TRP A 135 -26.29 3.32 8.41
C TRP A 135 -25.56 3.42 9.76
N GLU A 136 -24.87 4.51 10.00
CA GLU A 136 -24.23 4.64 11.30
C GLU A 136 -24.14 6.08 11.76
N ASN A 137 -24.43 6.35 13.04
CA ASN A 137 -24.26 7.70 13.52
C ASN A 137 -25.08 8.71 12.69
N ASN A 138 -26.32 8.38 12.46
CA ASN A 138 -27.13 9.27 11.61
C ASN A 138 -26.53 9.62 10.21
N LYS A 139 -25.72 8.71 9.66
CA LYS A 139 -25.07 8.91 8.36
C LYS A 139 -25.10 7.67 7.50
N VAL A 140 -25.00 7.85 6.20
CA VAL A 140 -25.03 6.71 5.29
C VAL A 140 -23.65 6.50 4.68
N TYR A 141 -23.17 5.30 4.67
CA TYR A 141 -21.83 4.97 4.15
C TYR A 141 -21.91 3.83 3.14
N PHE A 142 -20.93 3.65 2.26
CA PHE A 142 -21.11 2.58 1.27
C PHE A 142 -19.92 1.62 1.22
N LYS A 143 -20.20 0.30 1.16
CA LYS A 143 -19.20 -0.65 0.70
C LYS A 143 -19.26 -0.60 -0.84
N ILE A 144 -18.10 -0.63 -1.54
CA ILE A 144 -18.08 -0.65 -3.03
C ILE A 144 -17.53 -1.94 -3.57
N LEU A 145 -18.42 -2.78 -4.05
CA LEU A 145 -18.17 -4.15 -4.45
C LEU A 145 -18.03 -4.38 -6.00
N ASN A 146 -16.83 -4.76 -6.44
CA ASN A 146 -16.63 -5.21 -7.83
C ASN A 146 -17.32 -6.54 -8.07
N THR A 147 -18.21 -6.57 -9.06
CA THR A 147 -19.06 -7.73 -9.12
C THR A 147 -18.35 -8.99 -9.65
N GLU A 148 -17.41 -8.84 -10.59
CA GLU A 148 -16.71 -10.00 -11.17
C GLU A 148 -15.88 -10.75 -10.18
N ARG A 149 -15.17 -9.98 -9.36
CA ARG A 149 -14.16 -10.54 -8.46
C ARG A 149 -14.65 -10.74 -7.09
N ASN A 150 -15.82 -10.20 -6.77
CA ASN A 150 -16.35 -10.30 -5.43
C ASN A 150 -15.36 -9.70 -4.42
N GLN A 151 -14.77 -8.56 -4.79
CA GLN A 151 -13.87 -7.89 -3.87
C GLN A 151 -14.29 -6.42 -3.66
N TYR A 152 -14.02 -5.92 -2.43
CA TYR A 152 -14.38 -4.55 -1.99
C TYR A 152 -13.28 -3.51 -2.21
N LEU A 153 -13.64 -2.32 -2.65
CA LEU A 153 -12.64 -1.27 -2.82
C LEU A 153 -12.23 -0.74 -1.43
N VAL A 154 -10.92 -0.62 -1.24
CA VAL A 154 -10.28 -0.11 -0.04
C VAL A 154 -9.12 0.86 -0.33
N LEU A 155 -8.71 1.62 0.68
CA LEU A 155 -7.47 2.37 0.65
C LEU A 155 -6.52 1.65 1.54
N GLY A 156 -5.23 1.64 1.21
CA GLY A 156 -4.32 0.90 2.07
C GLY A 156 -3.79 1.75 3.16
N VAL A 157 -2.97 1.16 4.03
CA VAL A 157 -2.33 1.87 5.12
C VAL A 157 -1.12 2.75 4.64
N GLY A 158 -0.34 2.26 3.67
CA GLY A 158 0.77 3.03 3.13
C GLY A 158 0.48 4.29 2.31
N THR A 159 1.44 5.21 2.25
CA THR A 159 1.26 6.44 1.45
C THR A 159 2.51 6.81 0.71
N ASN A 160 2.36 7.43 -0.44
CA ASN A 160 3.52 7.98 -1.16
C ASN A 160 3.91 9.26 -0.48
N TRP A 161 4.80 10.00 -1.16
CA TRP A 161 5.46 11.16 -0.63
C TRP A 161 4.47 12.31 -0.37
N ASN A 162 3.58 12.58 -1.34
CA ASN A 162 2.49 13.55 -1.08
C ASN A 162 1.42 13.15 -0.07
N GLY A 163 1.26 11.85 0.21
CA GLY A 163 0.32 11.41 1.21
C GLY A 163 -0.93 10.84 0.66
N ASP A 164 -0.90 10.44 -0.62
CA ASP A 164 -1.97 9.67 -1.24
C ASP A 164 -1.81 8.21 -0.84
N HIS A 165 -2.97 7.54 -0.76
CA HIS A 165 -3.14 6.11 -0.48
C HIS A 165 -3.51 5.31 -1.70
N MET A 166 -2.98 4.11 -1.79
CA MET A 166 -3.38 3.25 -2.89
C MET A 166 -4.80 2.66 -2.69
N ALA A 167 -5.55 2.54 -3.79
CA ALA A 167 -6.84 1.89 -3.83
C ALA A 167 -6.81 0.49 -4.52
N PHE A 168 -7.38 -0.54 -3.88
CA PHE A 168 -7.28 -1.90 -4.39
C PHE A 168 -8.41 -2.69 -3.74
N GLY A 169 -8.71 -3.87 -4.26
CA GLY A 169 -9.79 -4.73 -3.78
C GLY A 169 -9.38 -5.73 -2.74
N VAL A 170 -10.28 -6.00 -1.79
CA VAL A 170 -9.97 -6.84 -0.64
C VAL A 170 -11.16 -7.76 -0.43
N ASN A 171 -10.96 -8.91 0.16
CA ASN A 171 -12.05 -9.85 0.23
C ASN A 171 -13.23 -9.52 1.13
N SER A 172 -13.06 -8.66 2.13
CA SER A 172 -14.15 -8.30 3.05
C SER A 172 -14.01 -6.91 3.76
N VAL A 173 -14.99 -6.54 4.54
CA VAL A 173 -15.00 -5.23 5.15
C VAL A 173 -14.84 -5.46 6.66
N ASP A 174 -13.68 -5.09 7.17
CA ASP A 174 -13.53 -5.24 8.59
C ASP A 174 -13.12 -3.96 9.23
N SER A 175 -13.01 -2.90 8.44
CA SER A 175 -12.53 -1.58 8.90
C SER A 175 -13.16 -0.41 8.01
N PHE A 176 -13.03 0.82 8.50
CA PHE A 176 -13.46 2.06 7.86
C PHE A 176 -12.66 2.34 6.58
N ARG A 177 -11.50 1.74 6.42
CA ARG A 177 -10.73 1.83 5.14
C ARG A 177 -11.49 1.28 3.92
N ALA A 178 -12.37 0.31 4.17
CA ALA A 178 -13.22 -0.30 3.18
C ALA A 178 -14.65 0.39 3.04
N GLN A 179 -14.84 1.54 3.70
CA GLN A 179 -16.10 2.31 3.61
C GLN A 179 -15.90 3.71 3.03
N TRP A 180 -16.95 4.30 2.41
CA TRP A 180 -16.94 5.43 1.51
C TRP A 180 -18.23 6.24 1.68
N TYR A 181 -18.18 7.53 1.42
CA TYR A 181 -19.37 8.35 1.44
C TYR A 181 -19.34 9.21 0.25
N LEU A 182 -20.53 9.58 -0.27
CA LEU A 182 -20.72 10.30 -1.53
C LEU A 182 -21.16 11.73 -1.35
N GLN A 183 -20.60 12.64 -2.14
CA GLN A 183 -21.06 14.00 -2.13
C GLN A 183 -21.38 14.45 -3.55
N PRO A 184 -22.65 14.60 -3.84
CA PRO A 184 -23.23 14.93 -5.14
C PRO A 184 -22.83 16.32 -5.61
N ALA A 185 -22.91 16.55 -6.91
CA ALA A 185 -22.47 17.78 -7.51
C ALA A 185 -23.03 17.84 -8.91
N LYS A 186 -23.03 19.03 -9.50
CA LYS A 186 -23.47 19.23 -10.88
C LYS A 186 -22.40 19.88 -11.75
N TYR A 187 -22.22 19.31 -12.94
CA TYR A 187 -21.47 19.94 -14.00
C TYR A 187 -22.22 19.65 -15.32
N ASP A 188 -22.20 20.58 -16.27
CA ASP A 188 -23.02 20.46 -17.50
C ASP A 188 -24.46 20.19 -17.13
N ASN A 189 -25.04 19.13 -17.68
CA ASN A 189 -26.39 18.74 -17.30
C ASN A 189 -26.52 17.43 -16.53
N ASP A 190 -25.45 17.05 -15.86
CA ASP A 190 -25.37 15.76 -15.17
C ASP A 190 -25.03 15.75 -13.66
N VAL A 191 -25.39 14.67 -13.03
CA VAL A 191 -25.08 14.54 -11.63
C VAL A 191 -23.83 13.70 -11.38
N LEU A 192 -22.89 14.28 -10.64
CA LEU A 192 -21.66 13.62 -10.25
C LEU A 192 -21.49 13.46 -8.74
N PHE A 193 -20.52 12.65 -8.30
CA PHE A 193 -20.30 12.50 -6.91
C PHE A 193 -18.81 12.42 -6.65
N TYR A 194 -18.37 13.06 -5.57
CA TYR A 194 -17.02 12.84 -5.04
C TYR A 194 -17.18 11.67 -4.19
N ILE A 195 -16.10 10.86 -4.08
CA ILE A 195 -16.19 9.65 -3.29
C ILE A 195 -15.11 9.69 -2.26
N TYR A 196 -15.44 9.77 -0.97
CA TYR A 196 -14.41 9.91 0.05
C TYR A 196 -14.37 8.64 0.84
N ASN A 197 -13.18 8.32 1.32
CA ASN A 197 -12.94 7.19 2.17
C ASN A 197 -13.30 7.55 3.60
N ARG A 198 -13.93 6.64 4.34
CA ARG A 198 -14.43 6.94 5.68
C ARG A 198 -13.33 7.04 6.66
N GLU A 199 -12.35 6.16 6.53
CA GLU A 199 -11.22 6.20 7.42
C GLU A 199 -10.36 7.44 7.33
N TYR A 200 -9.99 7.81 6.12
CA TYR A 200 -8.93 8.78 5.91
C TYR A 200 -9.44 10.11 5.37
N SER A 201 -10.73 10.15 5.04
CA SER A 201 -11.40 11.35 4.46
C SER A 201 -10.78 11.83 3.13
N LYS A 202 -10.29 10.92 2.33
CA LYS A 202 -9.68 11.29 1.06
C LYS A 202 -10.57 10.88 -0.07
N ALA A 203 -10.53 11.64 -1.15
CA ALA A 203 -11.33 11.37 -2.31
C ALA A 203 -10.65 10.37 -3.22
N LEU A 204 -11.42 9.45 -3.75
CA LEU A 204 -10.96 8.52 -4.76
C LEU A 204 -10.74 9.22 -6.06
N THR A 205 -9.53 9.11 -6.66
CA THR A 205 -9.18 9.81 -7.90
C THR A 205 -8.30 8.93 -8.82
N LEU A 206 -8.13 9.33 -10.09
CA LEU A 206 -7.20 8.66 -11.01
C LEU A 206 -5.98 9.50 -11.19
N SER A 207 -4.79 8.87 -11.16
CA SER A 207 -3.54 9.60 -11.30
CA SER A 207 -3.53 9.60 -11.31
C SER A 207 -3.42 10.24 -12.67
N ARG A 208 -2.77 11.40 -12.72
CA ARG A 208 -2.43 12.04 -14.02
C ARG A 208 -1.32 11.31 -14.81
N THR A 209 -0.73 10.28 -14.20
CA THR A 209 0.35 9.55 -14.83
C THR A 209 -0.23 8.42 -15.64
N VAL A 210 -0.09 8.50 -16.95
CA VAL A 210 -0.68 7.48 -17.78
C VAL A 210 0.22 6.24 -17.98
N GLU A 211 -0.40 5.05 -18.02
CA GLU A 211 0.29 3.82 -18.35
C GLU A 211 0.32 3.61 -19.90
N PRO A 212 1.23 2.77 -20.40
CA PRO A 212 1.37 2.64 -21.86
C PRO A 212 0.05 2.37 -22.62
N SER A 213 -0.81 1.58 -21.98
CA SER A 213 -2.09 1.15 -22.55
C SER A 213 -3.25 2.15 -22.31
N GLY A 214 -2.90 3.35 -21.82
CA GLY A 214 -3.86 4.41 -21.53
C GLY A 214 -4.37 4.44 -20.10
N HIS A 215 -3.85 3.55 -19.27
CA HIS A 215 -4.32 3.34 -17.89
C HIS A 215 -3.86 4.41 -16.88
N ARG A 216 -4.64 4.56 -15.83
CA ARG A 216 -4.34 5.42 -14.71
C ARG A 216 -4.72 4.69 -13.43
N MET A 217 -3.75 4.56 -12.53
CA MET A 217 -3.93 3.89 -11.25
C MET A 217 -4.85 4.75 -10.41
N ALA A 218 -5.70 4.09 -9.61
CA ALA A 218 -6.58 4.78 -8.65
C ALA A 218 -5.91 5.03 -7.26
N TRP A 219 -6.03 6.26 -6.78
CA TRP A 219 -5.48 6.70 -5.50
C TRP A 219 -6.53 7.34 -4.59
N GLY A 220 -6.32 7.28 -3.28
CA GLY A 220 -6.96 8.17 -2.33
C GLY A 220 -6.13 9.45 -2.37
N TYR A 221 -6.64 10.49 -3.01
CA TYR A 221 -5.94 11.76 -3.17
C TYR A 221 -5.84 12.68 -1.90
N ASN A 222 -4.63 13.07 -1.53
CA ASN A 222 -4.46 13.98 -0.41
C ASN A 222 -4.45 15.41 -0.93
N GLY A 223 -5.63 16.06 -0.97
CA GLY A 223 -5.74 17.39 -1.54
C GLY A 223 -7.16 17.95 -1.56
N ARG A 224 -7.33 19.11 -2.17
CA ARG A 224 -8.59 19.78 -2.15
C ARG A 224 -9.23 19.58 -3.51
N VAL A 225 -10.45 19.07 -3.49
CA VAL A 225 -11.26 18.81 -4.68
C VAL A 225 -12.52 19.66 -4.69
N ILE A 226 -12.92 20.24 -3.58
CA ILE A 226 -14.25 20.84 -3.62
C ILE A 226 -14.17 22.01 -4.54
N GLY A 227 -15.19 22.13 -5.38
CA GLY A 227 -15.18 23.16 -6.40
C GLY A 227 -14.90 22.67 -7.81
N SER A 228 -14.29 21.50 -7.96
CA SER A 228 -13.95 21.06 -9.32
C SER A 228 -14.36 19.61 -9.65
N PRO A 229 -15.65 19.35 -9.75
CA PRO A 229 -16.12 17.99 -10.00
C PRO A 229 -15.74 17.54 -11.42
N GLU A 230 -15.60 18.47 -12.36
CA GLU A 230 -15.21 18.07 -13.71
C GLU A 230 -13.77 17.55 -13.73
N HIS A 231 -13.05 17.74 -12.62
CA HIS A 231 -11.72 17.13 -12.45
C HIS A 231 -11.67 15.92 -11.51
N TYR A 232 -12.39 15.98 -10.39
CA TYR A 232 -12.23 14.97 -9.33
C TYR A 232 -13.45 14.04 -9.06
N ALA A 233 -14.57 14.20 -9.78
CA ALA A 233 -15.77 13.45 -9.47
C ALA A 233 -16.09 12.36 -10.49
N TRP A 234 -17.07 11.52 -10.14
CA TRP A 234 -17.41 10.34 -10.88
C TRP A 234 -18.87 10.35 -11.33
N GLY A 235 -19.10 9.92 -12.56
CA GLY A 235 -20.43 9.59 -12.98
C GLY A 235 -20.74 8.12 -12.72
N ILE A 236 -22.01 7.88 -12.45
CA ILE A 236 -22.56 6.56 -12.23
C ILE A 236 -23.47 6.23 -13.38
N LYS A 237 -23.15 5.17 -14.10
CA LYS A 237 -23.90 4.84 -15.31
C LYS A 237 -24.52 3.50 -15.09
N ALA A 238 -25.65 3.32 -15.73
CA ALA A 238 -26.57 2.22 -15.46
C ALA A 238 -26.01 0.85 -15.86
N PHE A 239 -24.90 0.86 -16.57
CA PHE A 239 -24.31 -0.41 -17.02
C PHE A 239 -25.26 -1.22 -17.89
N VAL B 5 46.70 -32.79 5.44
CA VAL B 5 45.69 -32.37 4.48
C VAL B 5 45.99 -30.94 4.01
N PRO B 6 46.09 -30.72 2.69
CA PRO B 6 46.38 -29.35 2.21
C PRO B 6 45.16 -28.41 2.26
N ASN B 7 45.38 -27.14 1.96
CA ASN B 7 44.32 -26.14 2.07
C ASN B 7 43.19 -26.32 1.07
N ASP B 8 43.52 -26.92 -0.08
CA ASP B 8 42.56 -27.16 -1.15
C ASP B 8 41.41 -28.08 -0.75
N ILE B 9 41.74 -29.27 -0.32
CA ILE B 9 40.63 -30.13 -0.01
C ILE B 9 39.81 -29.55 1.11
N LEU B 10 40.46 -29.08 2.17
CA LEU B 10 39.76 -28.58 3.34
C LEU B 10 38.80 -27.44 3.00
N GLU B 11 39.28 -26.48 2.21
CA GLU B 11 38.46 -25.38 1.71
C GLU B 11 37.26 -25.91 0.97
N GLU B 12 37.49 -26.72 -0.07
CA GLU B 12 36.37 -27.26 -0.87
C GLU B 12 35.35 -28.10 -0.04
N GLN B 13 35.86 -28.77 0.99
CA GLN B 13 35.01 -29.52 1.89
C GLN B 13 34.11 -28.53 2.69
N LEU B 14 34.70 -27.44 3.18
CA LEU B 14 33.99 -26.44 4.00
C LEU B 14 32.90 -25.75 3.16
N TYR B 15 33.30 -25.31 1.98
CA TYR B 15 32.42 -24.74 0.98
C TYR B 15 31.26 -25.67 0.63
N ASN B 16 31.57 -26.93 0.38
CA ASN B 16 30.52 -27.90 0.11
C ASN B 16 29.56 -28.01 1.27
N SER B 17 30.11 -28.05 2.49
CA SER B 17 29.25 -28.08 3.66
C SER B 17 28.28 -26.85 3.69
N VAL B 18 28.79 -25.67 3.39
CA VAL B 18 27.90 -24.52 3.40
C VAL B 18 26.83 -24.62 2.27
N VAL B 19 27.23 -25.00 1.06
CA VAL B 19 26.25 -24.90 -0.03
C VAL B 19 25.07 -25.89 0.10
N VAL B 20 25.33 -27.04 0.68
CA VAL B 20 24.29 -28.05 0.86
C VAL B 20 23.47 -27.78 2.11
N ALA B 21 23.90 -26.73 2.80
CA ALA B 21 23.33 -26.23 4.08
C ALA B 21 23.47 -27.12 5.35
N ASP B 22 24.50 -27.97 5.50
CA ASP B 22 24.65 -28.64 6.80
C ASP B 22 25.49 -27.78 7.75
N TYR B 23 24.79 -26.93 8.48
CA TYR B 23 25.50 -25.84 9.10
C TYR B 23 26.29 -26.37 10.28
N ASP B 24 25.84 -27.48 10.80
CA ASP B 24 26.51 -28.15 11.89
C ASP B 24 27.93 -28.59 11.50
N SER B 25 28.02 -29.19 10.33
CA SER B 25 29.28 -29.74 9.86
C SER B 25 30.21 -28.60 9.50
N ALA B 26 29.63 -27.51 8.97
CA ALA B 26 30.40 -26.31 8.65
C ALA B 26 30.98 -25.59 9.87
N VAL B 27 30.20 -25.41 10.94
CA VAL B 27 30.80 -24.78 12.12
C VAL B 27 31.82 -25.73 12.80
N GLU B 28 31.51 -27.01 12.95
CA GLU B 28 32.55 -27.90 13.51
C GLU B 28 33.90 -27.90 12.72
N LYS B 29 33.80 -28.04 11.40
CA LYS B 29 34.97 -27.87 10.51
C LYS B 29 35.68 -26.51 10.68
N SER B 30 34.92 -25.40 10.74
CA SER B 30 35.49 -24.05 10.93
C SER B 30 36.23 -23.89 12.28
N LYS B 31 35.62 -24.42 13.35
CA LYS B 31 36.22 -24.43 14.67
C LYS B 31 37.58 -25.08 14.60
N HIS B 32 37.56 -26.29 14.01
CA HIS B 32 38.80 -27.01 13.81
C HIS B 32 39.85 -26.17 13.06
N LEU B 33 39.43 -25.49 11.99
CA LEU B 33 40.38 -24.77 11.15
C LEU B 33 41.01 -23.61 11.88
N TYR B 34 40.17 -22.94 12.67
CA TYR B 34 40.54 -21.79 13.49
C TYR B 34 41.47 -22.17 14.64
N GLU B 35 41.41 -23.43 15.05
CA GLU B 35 42.31 -23.92 16.10
C GLU B 35 43.70 -24.25 15.56
N GLU B 36 43.76 -24.81 14.34
CA GLU B 36 45.03 -25.30 13.81
C GLU B 36 45.81 -24.21 13.04
N LYS B 37 45.44 -22.95 13.27
CA LYS B 37 46.17 -21.80 12.70
C LYS B 37 45.97 -21.74 11.19
N LYS B 38 44.84 -22.29 10.74
CA LYS B 38 44.48 -22.23 9.34
C LYS B 38 43.20 -21.40 9.15
N SER B 39 43.31 -20.09 9.36
CA SER B 39 42.18 -19.15 9.25
C SER B 39 41.95 -18.71 7.81
N GLU B 40 43.03 -18.78 7.04
CA GLU B 40 43.04 -18.41 5.62
C GLU B 40 42.14 -19.31 4.79
N VAL B 41 41.96 -20.57 5.19
CA VAL B 41 41.02 -21.41 4.46
C VAL B 41 39.58 -20.85 4.63
N ILE B 42 39.24 -20.49 5.86
CA ILE B 42 37.92 -19.92 6.20
C ILE B 42 37.72 -18.65 5.42
N THR B 43 38.73 -17.79 5.44
CA THR B 43 38.65 -16.55 4.71
C THR B 43 38.46 -16.74 3.20
N ASN B 44 39.22 -17.65 2.60
CA ASN B 44 39.02 -17.97 1.19
C ASN B 44 37.61 -18.47 0.87
N VAL B 45 37.08 -19.33 1.73
CA VAL B 45 35.77 -19.90 1.51
C VAL B 45 34.69 -18.83 1.61
N VAL B 46 34.82 -17.95 2.60
CA VAL B 46 33.83 -16.88 2.75
C VAL B 46 33.90 -16.06 1.46
N ASN B 47 35.13 -15.72 1.06
CA ASN B 47 35.28 -14.90 -0.12
C ASN B 47 34.61 -15.52 -1.29
N LYS B 48 34.71 -16.84 -1.37
CA LYS B 48 34.15 -17.56 -2.51
C LYS B 48 32.61 -17.65 -2.46
N LEU B 49 32.07 -17.88 -1.27
CA LEU B 49 30.64 -17.94 -1.05
C LEU B 49 29.96 -16.66 -1.43
N ILE B 50 30.60 -15.55 -1.10
CA ILE B 50 29.97 -14.30 -1.38
C ILE B 50 29.86 -14.18 -2.92
N ARG B 51 30.66 -14.98 -3.66
CA ARG B 51 30.43 -15.22 -5.12
C ARG B 51 29.25 -16.18 -5.42
N ASN B 52 29.02 -17.19 -4.57
CA ASN B 52 27.98 -18.24 -4.72
C ASN B 52 26.55 -17.75 -4.62
N ASN B 53 26.28 -16.83 -3.69
CA ASN B 53 24.98 -16.18 -3.55
C ASN B 53 23.90 -17.23 -3.28
N LYS B 54 24.29 -18.35 -2.70
CA LYS B 54 23.28 -19.29 -2.26
C LYS B 54 22.83 -18.66 -0.98
N MET B 55 21.55 -18.83 -0.71
CA MET B 55 21.04 -18.31 0.52
C MET B 55 21.61 -19.26 1.59
N ASN B 56 22.91 -19.12 1.87
CA ASN B 56 23.59 -19.88 2.93
C ASN B 56 24.68 -19.12 3.60
N CYS B 57 25.10 -18.04 2.96
CA CYS B 57 26.17 -17.23 3.43
C CYS B 57 25.87 -16.67 4.81
N MET B 58 24.62 -16.25 5.01
CA MET B 58 24.07 -15.61 6.22
C MET B 58 23.76 -16.57 7.34
N GLU B 59 23.21 -17.72 6.96
CA GLU B 59 22.95 -18.80 7.91
C GLU B 59 24.24 -19.37 8.49
N TYR B 60 25.21 -19.63 7.65
CA TYR B 60 26.54 -20.06 8.11
C TYR B 60 27.05 -19.07 9.16
N ALA B 61 27.05 -17.79 8.78
CA ALA B 61 27.53 -16.82 9.77
C ALA B 61 26.73 -16.81 11.12
N TYR B 62 25.39 -16.77 11.04
CA TYR B 62 24.56 -16.77 12.24
C TYR B 62 24.83 -17.99 13.07
N GLN B 63 25.02 -19.15 12.44
CA GLN B 63 25.23 -20.35 13.23
C GLN B 63 26.58 -20.34 13.92
N LEU B 64 27.61 -19.83 13.25
CA LEU B 64 28.85 -19.60 13.94
C LEU B 64 28.71 -18.67 15.14
N TRP B 65 27.89 -17.62 14.99
CA TRP B 65 27.65 -16.64 16.04
C TRP B 65 26.90 -17.26 17.19
N LEU B 66 26.00 -18.18 16.92
CA LEU B 66 25.18 -18.75 18.00
C LEU B 66 25.85 -19.96 18.67
N GLN B 67 26.86 -20.54 18.03
CA GLN B 67 27.46 -21.78 18.53
CA GLN B 67 27.45 -21.78 18.54
C GLN B 67 28.80 -21.60 19.26
N GLY B 68 29.10 -20.37 19.67
CA GLY B 68 30.32 -20.14 20.39
C GLY B 68 31.47 -19.82 19.47
N SER B 69 31.15 -19.44 18.25
CA SER B 69 32.23 -19.10 17.35
C SER B 69 32.20 -17.61 16.90
N LYS B 70 31.74 -16.73 17.79
CA LYS B 70 31.68 -15.28 17.53
C LYS B 70 33.00 -14.68 17.07
N ASP B 71 34.10 -15.20 17.61
CA ASP B 71 35.45 -14.75 17.29
C ASP B 71 35.85 -15.03 15.82
N ILE B 72 35.36 -16.14 15.24
CA ILE B 72 35.69 -16.44 13.85
C ILE B 72 35.03 -15.45 12.97
N VAL B 73 33.77 -15.15 13.27
CA VAL B 73 33.04 -14.11 12.54
C VAL B 73 33.75 -12.75 12.71
N ARG B 74 34.17 -12.41 13.93
CA ARG B 74 34.88 -11.17 14.13
C ARG B 74 36.17 -11.04 13.31
N ASP B 75 37.00 -12.07 13.26
CA ASP B 75 38.31 -11.89 12.58
C ASP B 75 38.39 -12.27 11.10
N CYS B 76 37.61 -13.27 10.68
CA CYS B 76 37.78 -13.82 9.33
C CYS B 76 36.70 -13.44 8.30
N PHE B 77 35.67 -12.74 8.74
CA PHE B 77 34.61 -12.25 7.89
C PHE B 77 34.74 -10.76 7.66
N PRO B 78 34.17 -10.25 6.56
CA PRO B 78 34.04 -8.80 6.36
C PRO B 78 33.29 -8.21 7.51
N VAL B 79 33.59 -6.96 7.83
CA VAL B 79 33.05 -6.31 9.02
C VAL B 79 31.49 -6.25 9.06
N GLU B 80 30.90 -6.19 7.85
CA GLU B 80 29.44 -6.12 7.75
C GLU B 80 28.78 -7.17 8.61
N PHE B 81 29.37 -8.36 8.66
CA PHE B 81 28.75 -9.52 9.32
C PHE B 81 28.68 -9.36 10.86
N ARG B 82 29.76 -8.85 11.44
CA ARG B 82 29.73 -8.57 12.86
C ARG B 82 28.68 -7.45 13.13
N LEU B 83 28.64 -6.43 12.26
CA LEU B 83 27.66 -5.32 12.50
C LEU B 83 26.24 -5.85 12.47
N ILE B 84 25.91 -6.70 11.51
CA ILE B 84 24.55 -7.30 11.45
C ILE B 84 24.21 -8.15 12.67
N PHE B 85 25.11 -9.07 13.07
CA PHE B 85 24.72 -9.97 14.18
C PHE B 85 24.86 -9.43 15.62
N ALA B 86 25.67 -8.39 15.85
CA ALA B 86 25.72 -7.80 17.19
C ALA B 86 24.51 -6.91 17.44
N GLU B 87 23.71 -6.68 16.42
CA GLU B 87 22.57 -5.77 16.46
C GLU B 87 22.96 -4.35 16.87
N ASN B 88 24.08 -3.91 16.32
CA ASN B 88 24.49 -2.51 16.42
C ASN B 88 23.69 -1.76 15.39
N ALA B 89 23.60 -0.44 15.54
CA ALA B 89 22.95 0.41 14.56
C ALA B 89 23.80 0.49 13.30
N ILE B 90 23.13 0.49 12.15
CA ILE B 90 23.82 0.56 10.86
C ILE B 90 23.09 1.49 9.90
N LYS B 91 23.72 1.84 8.78
CA LYS B 91 23.12 2.60 7.72
C LYS B 91 23.01 1.68 6.53
N LEU B 92 21.89 1.79 5.83
CA LEU B 92 21.73 1.09 4.56
C LEU B 92 21.90 2.07 3.49
N MET B 93 23.01 1.96 2.76
CA MET B 93 23.26 2.80 1.60
CA MET B 93 23.24 2.82 1.61
C MET B 93 22.96 2.06 0.32
N TYR B 94 22.10 2.60 -0.56
CA TYR B 94 21.88 1.99 -1.91
C TYR B 94 23.04 2.21 -2.87
N LYS B 95 23.60 1.15 -3.43
CA LYS B 95 24.83 1.35 -4.20
C LYS B 95 24.68 2.36 -5.41
N ARG B 96 23.66 2.19 -6.26
CA ARG B 96 23.47 3.03 -7.43
C ARG B 96 23.48 4.55 -7.13
N ASP B 97 22.79 4.92 -6.08
CA ASP B 97 22.55 6.32 -5.87
C ASP B 97 23.27 6.84 -4.67
N GLY B 98 23.78 5.94 -3.85
CA GLY B 98 24.49 6.34 -2.63
C GLY B 98 23.65 7.08 -1.60
N LEU B 99 22.43 6.63 -1.43
CA LEU B 99 21.51 7.25 -0.51
C LEU B 99 21.29 6.34 0.65
N ALA B 100 21.20 6.93 1.84
CA ALA B 100 20.85 6.17 3.02
C ALA B 100 19.30 6.02 3.21
N LEU B 101 18.83 4.87 3.62
CA LEU B 101 17.41 4.67 3.85
C LEU B 101 16.99 5.33 5.18
N THR B 102 15.86 6.03 5.15
CA THR B 102 15.31 6.62 6.38
C THR B 102 13.81 6.37 6.33
N LEU B 103 13.09 6.74 7.38
CA LEU B 103 11.67 6.59 7.37
C LEU B 103 11.04 7.95 7.53
N SER B 104 10.03 8.27 6.76
CA SER B 104 9.37 9.57 6.92
C SER B 104 8.70 9.77 8.32
N ASN B 105 8.68 10.99 8.84
CA ASN B 105 8.09 11.18 10.19
C ASN B 105 6.56 11.26 10.23
N ASP B 106 5.98 10.76 11.32
CA ASP B 106 4.57 10.97 11.68
C ASP B 106 4.49 11.51 13.14
N VAL B 107 4.19 12.80 13.26
CA VAL B 107 4.22 13.49 14.54
C VAL B 107 3.53 12.71 15.66
N GLN B 108 2.48 11.99 15.31
CA GLN B 108 1.67 11.18 16.22
C GLN B 108 2.07 9.67 16.28
N GLY B 109 3.16 9.31 15.59
CA GLY B 109 3.66 7.96 15.74
C GLY B 109 2.86 6.91 15.01
N ASP B 110 2.07 7.34 14.02
CA ASP B 110 1.26 6.42 13.19
C ASP B 110 1.98 5.71 12.03
N ASP B 111 1.35 4.61 11.60
CA ASP B 111 1.84 3.63 10.63
C ASP B 111 1.59 4.13 9.21
N GLY B 112 2.34 3.61 8.24
CA GLY B 112 2.10 3.96 6.87
C GLY B 112 3.04 5.01 6.27
N ARG B 113 3.92 5.60 7.06
CA ARG B 113 4.78 6.60 6.42
C ARG B 113 5.89 5.86 5.70
N PRO B 114 6.15 6.25 4.45
CA PRO B 114 7.13 5.64 3.55
C PRO B 114 8.60 5.76 3.91
N ALA B 115 9.26 4.68 3.56
CA ALA B 115 10.71 4.59 3.68
C ALA B 115 11.30 5.22 2.43
N TYR B 116 12.48 5.80 2.56
CA TYR B 116 13.05 6.39 1.38
C TYR B 116 14.51 6.60 1.47
N GLY B 117 15.16 6.81 0.33
CA GLY B 117 16.59 7.15 0.30
C GLY B 117 16.74 8.67 0.46
N ASP B 118 17.42 9.12 1.50
CA ASP B 118 17.46 10.54 1.78
C ASP B 118 18.45 11.20 0.89
N GLY B 119 17.97 12.18 0.16
CA GLY B 119 18.80 12.95 -0.76
C GLY B 119 19.84 13.81 -0.08
N LYS B 120 19.61 14.10 1.20
CA LYS B 120 20.41 15.06 1.96
C LYS B 120 21.14 14.56 3.21
N ASP B 121 20.72 13.40 3.72
CA ASP B 121 21.04 13.01 5.09
C ASP B 121 21.79 11.73 5.17
N LYS B 122 23.05 11.72 5.56
CA LYS B 122 23.65 10.40 5.84
C LYS B 122 24.16 10.35 7.30
N THR B 123 23.84 11.36 8.10
CA THR B 123 24.51 11.43 9.39
C THR B 123 23.53 11.31 10.56
N SER B 124 22.36 11.94 10.45
CA SER B 124 21.49 12.05 11.62
C SER B 124 20.96 10.68 12.03
N PRO B 125 20.50 10.55 13.28
CA PRO B 125 19.90 9.32 13.77
C PRO B 125 18.78 8.75 12.94
N ARG B 126 18.22 9.55 12.06
CA ARG B 126 17.11 9.12 11.21
C ARG B 126 17.42 8.02 10.22
N VAL B 127 18.70 7.87 9.92
CA VAL B 127 19.17 6.87 8.98
C VAL B 127 19.58 5.56 9.69
N SER B 128 19.33 5.46 10.97
CA SER B 128 19.76 4.34 11.77
C SER B 128 18.76 3.20 11.71
N TRP B 129 19.28 1.97 11.53
CA TRP B 129 18.43 0.77 11.46
C TRP B 129 19.10 -0.31 12.28
N LYS B 130 18.35 -1.31 12.72
CA LYS B 130 18.96 -2.46 13.38
C LYS B 130 18.32 -3.65 12.81
N LEU B 131 19.12 -4.68 12.59
CA LEU B 131 18.58 -5.90 12.00
C LEU B 131 18.40 -6.98 13.05
N ILE B 132 17.25 -7.59 13.08
CA ILE B 132 17.12 -8.58 14.12
C ILE B 132 16.79 -9.94 13.51
N ALA B 133 17.73 -10.86 13.71
CA ALA B 133 17.68 -12.14 13.05
C ALA B 133 16.70 -13.01 13.76
N LEU B 134 16.09 -13.89 13.02
CA LEU B 134 15.52 -15.06 13.66
C LEU B 134 15.65 -16.25 12.72
N TRP B 135 15.56 -17.43 13.33
CA TRP B 135 15.90 -18.69 12.68
C TRP B 135 14.69 -19.54 12.44
N GLU B 136 14.42 -19.85 11.17
CA GLU B 136 13.24 -20.61 10.80
C GLU B 136 13.49 -21.46 9.58
N ASN B 137 13.06 -22.71 9.61
CA ASN B 137 13.17 -23.57 8.43
C ASN B 137 14.60 -23.60 7.91
N ASN B 138 15.55 -23.77 8.80
CA ASN B 138 16.96 -23.77 8.47
C ASN B 138 17.43 -22.57 7.64
N LYS B 139 16.79 -21.43 7.83
CA LYS B 139 17.16 -20.18 7.14
C LYS B 139 17.07 -18.98 8.10
N VAL B 140 17.86 -17.96 7.84
CA VAL B 140 17.80 -16.80 8.69
C VAL B 140 17.14 -15.59 8.01
N TYR B 141 16.20 -15.03 8.73
CA TYR B 141 15.53 -13.81 8.25
C TYR B 141 15.76 -12.72 9.27
N PHE B 142 15.44 -11.49 8.89
CA PHE B 142 15.64 -10.31 9.65
C PHE B 142 14.40 -9.47 9.61
N LYS B 143 14.02 -8.93 10.76
CA LYS B 143 13.11 -7.80 10.83
C LYS B 143 14.02 -6.61 10.72
N ILE B 144 13.60 -5.59 10.01
CA ILE B 144 14.39 -4.33 9.86
C ILE B 144 13.72 -3.17 10.68
N LEU B 145 14.33 -2.85 11.81
CA LEU B 145 13.78 -1.89 12.74
C LEU B 145 14.37 -0.44 12.53
N ASN B 146 13.55 0.53 12.09
CA ASN B 146 13.99 1.95 12.15
C ASN B 146 14.05 2.36 13.65
N THR B 147 15.23 2.67 14.20
CA THR B 147 15.34 2.89 15.66
C THR B 147 14.76 4.22 16.13
N GLU B 148 14.95 5.27 15.35
CA GLU B 148 14.42 6.58 15.76
C GLU B 148 12.88 6.62 15.95
N ARG B 149 12.07 5.96 15.10
CA ARG B 149 10.57 5.97 15.23
C ARG B 149 10.10 4.62 15.85
N ASN B 150 11.05 3.71 15.99
CA ASN B 150 10.72 2.40 16.54
C ASN B 150 9.64 1.66 15.78
N GLN B 151 9.82 1.65 14.47
CA GLN B 151 8.94 0.98 13.54
C GLN B 151 9.69 0.06 12.60
N TYR B 152 9.03 -1.05 12.33
CA TYR B 152 9.50 -2.10 11.38
C TYR B 152 9.09 -1.82 9.98
N LEU B 153 10.04 -2.06 9.09
CA LEU B 153 9.88 -1.94 7.65
C LEU B 153 9.11 -3.11 7.11
N VAL B 154 8.12 -2.78 6.31
CA VAL B 154 7.33 -3.78 5.63
C VAL B 154 7.02 -3.36 4.21
N LEU B 155 6.49 -4.30 3.44
CA LEU B 155 5.85 -3.98 2.16
C LEU B 155 4.36 -4.10 2.37
N GLY B 156 3.63 -3.20 1.72
CA GLY B 156 2.19 -3.22 1.78
C GLY B 156 1.61 -4.18 0.76
N VAL B 157 0.29 -4.31 0.80
CA VAL B 157 -0.45 -5.11 -0.12
C VAL B 157 -0.64 -4.45 -1.50
N GLY B 158 -0.84 -3.15 -1.53
CA GLY B 158 -1.07 -2.46 -2.80
C GLY B 158 0.13 -2.47 -3.73
N THR B 159 -0.12 -2.37 -5.03
CA THR B 159 1.00 -2.32 -5.96
C THR B 159 0.81 -1.30 -7.08
N ASN B 160 1.93 -0.75 -7.55
CA ASN B 160 1.90 0.08 -8.73
CA ASN B 160 2.14 -0.01 -8.77
C ASN B 160 1.64 -0.76 -10.00
N TRP B 161 1.67 -0.12 -11.16
CA TRP B 161 1.35 -0.82 -12.43
C TRP B 161 2.40 -1.87 -12.87
N ASN B 162 3.67 -1.61 -12.64
CA ASN B 162 4.62 -2.69 -12.76
C ASN B 162 4.41 -3.83 -11.75
N GLY B 163 3.74 -3.57 -10.62
CA GLY B 163 3.50 -4.63 -9.67
C GLY B 163 4.53 -4.56 -8.54
N ASP B 164 5.14 -3.38 -8.39
CA ASP B 164 6.01 -3.07 -7.26
C ASP B 164 5.13 -2.79 -6.06
N HIS B 165 5.62 -3.07 -4.87
CA HIS B 165 4.96 -2.75 -3.61
C HIS B 165 5.64 -1.63 -2.92
N MET B 166 4.86 -0.82 -2.22
CA MET B 166 5.43 0.21 -1.37
C MET B 166 6.10 -0.27 -0.14
N ALA B 167 7.18 0.36 0.26
CA ALA B 167 7.79 0.06 1.53
C ALA B 167 7.51 1.13 2.58
N PHE B 168 7.03 0.77 3.77
CA PHE B 168 6.70 1.79 4.80
C PHE B 168 6.87 1.23 6.20
N GLY B 169 6.79 2.06 7.25
CA GLY B 169 6.85 1.58 8.62
C GLY B 169 5.55 1.22 9.35
N VAL B 170 5.57 0.18 10.21
CA VAL B 170 4.43 -0.19 11.08
C VAL B 170 5.01 -0.41 12.48
N ASN B 171 4.19 -0.24 13.51
CA ASN B 171 4.63 -0.22 14.90
CA ASN B 171 4.74 -0.24 14.86
C ASN B 171 4.90 -1.63 15.40
N SER B 172 4.09 -2.57 14.95
CA SER B 172 4.25 -3.92 15.46
C SER B 172 3.65 -4.96 14.57
N VAL B 173 4.53 -5.73 13.94
CA VAL B 173 4.18 -6.83 13.07
C VAL B 173 4.99 -8.11 13.25
N ASP B 174 4.27 -9.23 13.21
CA ASP B 174 4.87 -10.54 13.09
C ASP B 174 4.26 -11.17 11.83
N SER B 175 4.88 -10.87 10.70
CA SER B 175 4.34 -11.24 9.41
C SER B 175 5.49 -11.42 8.45
N PHE B 176 5.27 -12.25 7.43
CA PHE B 176 6.33 -12.45 6.44
C PHE B 176 6.50 -11.13 5.69
N ARG B 177 5.44 -10.29 5.67
CA ARG B 177 5.57 -8.94 5.10
C ARG B 177 6.58 -8.08 5.85
N ALA B 178 6.81 -8.34 7.11
CA ALA B 178 7.87 -7.67 7.85
C ALA B 178 9.21 -8.41 7.93
N GLN B 179 9.39 -9.54 7.27
CA GLN B 179 10.68 -10.26 7.38
C GLN B 179 11.41 -10.20 6.04
N TRP B 180 12.72 -10.29 6.09
CA TRP B 180 13.60 -9.96 4.98
C TRP B 180 14.82 -10.88 4.97
N TYR B 181 15.32 -11.25 3.79
CA TYR B 181 16.54 -12.05 3.80
C TYR B 181 17.64 -11.36 2.99
N LEU B 182 18.83 -11.47 3.55
CA LEU B 182 19.95 -10.71 3.02
C LEU B 182 20.84 -11.59 2.16
N GLN B 183 21.14 -11.12 0.97
CA GLN B 183 21.96 -11.88 0.06
C GLN B 183 23.28 -11.17 -0.29
N PRO B 184 24.39 -11.60 0.37
CA PRO B 184 25.63 -10.90 0.03
C PRO B 184 26.06 -11.23 -1.37
N ALA B 185 26.85 -10.33 -1.96
CA ALA B 185 27.32 -10.46 -3.31
C ALA B 185 28.54 -9.54 -3.37
N LYS B 186 29.40 -9.69 -4.37
CA LYS B 186 30.59 -8.84 -4.42
C LYS B 186 30.56 -8.04 -5.69
N TYR B 187 30.86 -6.75 -5.56
CA TYR B 187 31.03 -5.84 -6.70
C TYR B 187 32.27 -5.02 -6.38
N ASP B 188 33.02 -4.63 -7.40
CA ASP B 188 34.33 -4.03 -7.15
C ASP B 188 35.04 -4.95 -6.18
N ASN B 189 35.57 -4.42 -5.09
CA ASN B 189 36.17 -5.28 -4.05
C ASN B 189 35.39 -5.27 -2.75
N ASP B 190 34.10 -4.96 -2.85
CA ASP B 190 33.29 -4.72 -1.68
C ASP B 190 32.13 -5.70 -1.52
N VAL B 191 31.61 -5.80 -0.30
CA VAL B 191 30.46 -6.63 -0.01
C VAL B 191 29.22 -5.78 -0.06
N LEU B 192 28.29 -6.18 -0.95
CA LEU B 192 26.94 -5.59 -1.07
C LEU B 192 25.96 -6.71 -0.69
N PHE B 193 24.69 -6.38 -0.50
CA PHE B 193 23.64 -7.37 -0.18
C PHE B 193 22.36 -6.98 -0.93
N TYR B 194 21.65 -7.98 -1.47
CA TYR B 194 20.30 -7.74 -1.93
C TYR B 194 19.42 -7.98 -0.69
N ILE B 195 18.30 -7.28 -0.58
CA ILE B 195 17.40 -7.43 0.57
C ILE B 195 16.08 -7.78 -0.04
N TYR B 196 15.64 -9.01 0.26
CA TYR B 196 14.44 -9.54 -0.34
C TYR B 196 13.30 -9.72 0.66
N ASN B 197 12.05 -9.45 0.24
CA ASN B 197 10.90 -9.60 1.19
C ASN B 197 10.44 -10.99 1.34
N ARG B 198 10.07 -11.35 2.55
CA ARG B 198 9.76 -12.77 2.69
C ARG B 198 8.43 -13.09 2.06
N GLU B 199 7.44 -12.26 2.30
CA GLU B 199 6.13 -12.49 1.72
C GLU B 199 6.07 -12.42 0.17
N TYR B 200 6.64 -11.42 -0.43
CA TYR B 200 6.36 -11.28 -1.84
C TYR B 200 7.53 -11.67 -2.71
N SER B 201 8.64 -12.03 -2.06
CA SER B 201 9.89 -12.40 -2.70
C SER B 201 10.52 -11.32 -3.58
N LYS B 202 10.23 -10.07 -3.27
CA LYS B 202 10.64 -8.94 -4.06
C LYS B 202 11.80 -8.33 -3.38
N ALA B 203 12.68 -7.75 -4.18
CA ALA B 203 13.82 -7.07 -3.66
C ALA B 203 13.48 -5.59 -3.36
N LEU B 204 14.03 -5.13 -2.25
CA LEU B 204 14.02 -3.73 -1.86
C LEU B 204 15.01 -2.87 -2.68
N THR B 205 14.47 -1.88 -3.35
CA THR B 205 15.23 -0.98 -4.19
C THR B 205 14.67 0.45 -4.03
N LEU B 206 15.37 1.43 -4.60
CA LEU B 206 14.97 2.84 -4.66
C LEU B 206 14.44 3.22 -6.04
N SER B 207 13.38 4.02 -6.06
CA SER B 207 12.64 4.32 -7.26
C SER B 207 13.48 5.09 -8.20
N ARG B 208 13.29 4.91 -9.51
CA ARG B 208 13.98 5.73 -10.51
C ARG B 208 13.40 7.15 -10.66
N THR B 209 12.27 7.45 -10.04
CA THR B 209 11.82 8.84 -10.19
C THR B 209 12.14 9.67 -8.92
N VAL B 210 13.01 10.66 -9.02
CA VAL B 210 13.48 11.45 -7.85
C VAL B 210 12.47 12.52 -7.36
N GLU B 211 12.50 12.75 -6.04
CA GLU B 211 11.71 13.82 -5.41
C GLU B 211 12.53 15.11 -5.45
N PRO B 212 11.85 16.24 -5.21
CA PRO B 212 12.56 17.51 -5.33
C PRO B 212 13.84 17.60 -4.49
N SER B 213 13.84 17.07 -3.29
CA SER B 213 15.02 17.20 -2.43
C SER B 213 16.15 16.15 -2.64
N GLY B 214 16.10 15.42 -3.76
CA GLY B 214 17.07 14.37 -4.05
C GLY B 214 16.57 13.03 -3.54
N HIS B 215 15.38 13.03 -2.97
CA HIS B 215 14.82 11.83 -2.39
C HIS B 215 14.30 10.76 -3.35
N ARG B 216 14.39 9.51 -2.94
CA ARG B 216 13.76 8.44 -3.72
C ARG B 216 13.00 7.48 -2.85
N MET B 217 11.72 7.24 -3.12
CA MET B 217 10.95 6.27 -2.33
C MET B 217 11.45 4.82 -2.55
N ALA B 218 11.32 4.02 -1.52
CA ALA B 218 11.61 2.61 -1.55
C ALA B 218 10.44 1.78 -1.97
N TRP B 219 10.72 0.81 -2.83
CA TRP B 219 9.76 -0.16 -3.30
C TRP B 219 10.31 -1.60 -3.28
N GLY B 220 9.40 -2.56 -3.12
CA GLY B 220 9.63 -3.95 -3.47
C GLY B 220 9.42 -4.17 -4.95
N TYR B 221 10.53 -4.24 -5.65
CA TYR B 221 10.60 -4.36 -7.09
C TYR B 221 10.17 -5.71 -7.59
N ASN B 222 9.24 -5.69 -8.53
CA ASN B 222 8.76 -6.87 -9.14
C ASN B 222 9.57 -7.05 -10.40
N GLY B 223 10.71 -7.72 -10.30
CA GLY B 223 11.54 -7.82 -11.48
C GLY B 223 12.84 -8.48 -11.15
N ARG B 224 13.72 -8.60 -12.13
CA ARG B 224 14.90 -9.40 -11.93
C ARG B 224 16.01 -8.51 -11.47
N VAL B 225 16.66 -8.89 -10.38
CA VAL B 225 17.78 -8.09 -9.88
C VAL B 225 19.14 -8.81 -9.88
N ILE B 226 19.13 -10.14 -9.78
CA ILE B 226 20.34 -10.91 -9.57
C ILE B 226 21.22 -10.68 -10.78
N GLY B 227 22.49 -10.48 -10.57
CA GLY B 227 23.33 -10.26 -11.74
C GLY B 227 23.71 -8.80 -11.82
N SER B 228 23.00 -7.95 -11.07
CA SER B 228 23.31 -6.52 -11.12
C SER B 228 23.37 -5.78 -9.76
N PRO B 229 24.34 -6.15 -8.93
CA PRO B 229 24.43 -5.57 -7.59
C PRO B 229 24.75 -4.08 -7.68
N GLU B 230 25.40 -3.60 -8.73
CA GLU B 230 25.65 -2.18 -8.82
C GLU B 230 24.36 -1.43 -9.05
N HIS B 231 23.31 -2.17 -9.40
CA HIS B 231 22.02 -1.54 -9.62
C HIS B 231 21.02 -1.75 -8.53
N TYR B 232 21.06 -2.94 -7.95
CA TYR B 232 20.03 -3.37 -7.00
C TYR B 232 20.43 -3.69 -5.54
N ALA B 233 21.69 -3.50 -5.16
CA ALA B 233 22.12 -3.90 -3.82
C ALA B 233 22.47 -2.76 -2.86
N TRP B 234 22.66 -3.14 -1.62
CA TRP B 234 22.80 -2.22 -0.50
C TRP B 234 24.14 -2.45 0.12
N GLY B 235 24.81 -1.38 0.50
CA GLY B 235 25.93 -1.49 1.41
C GLY B 235 25.45 -1.31 2.85
N ILE B 236 26.12 -2.01 3.76
CA ILE B 236 25.78 -1.91 5.16
C ILE B 236 26.93 -1.24 5.82
N LYS B 237 26.74 -0.06 6.39
CA LYS B 237 27.90 0.55 7.05
C LYS B 237 27.59 0.82 8.53
N ALA B 238 28.60 0.79 9.40
CA ALA B 238 28.35 1.02 10.82
C ALA B 238 27.95 2.45 11.08
N PHE B 239 27.00 2.63 11.98
CA PHE B 239 26.53 3.97 12.24
C PHE B 239 27.56 4.76 13.05
I IOD C . -0.56 -0.42 0.90
#